data_2WIQ
#
_entry.id   2WIQ
#
_cell.length_a   71.490
_cell.length_b   73.670
_cell.length_c   80.260
_cell.angle_alpha   90.00
_cell.angle_beta   90.00
_cell.angle_gamma   90.00
#
_symmetry.space_group_name_H-M   'P 21 21 21'
#
loop_
_entity.id
_entity.type
_entity.pdbx_description
1 polymer KILLERRED
2 non-polymer 'SULFATE ION'
3 non-polymer 'SODIUM ION'
4 water water
#
_entity_poly.entity_id   1
_entity_poly.type   'polypeptide(L)'
_entity_poly.pdbx_seq_one_letter_code
;MGSSHHHHHHSSGLVPRGSHMGSEGGPALFQSDMTFKIFIDGEVNGQKFTIVADGSSKFPHGDFNVHAVCETGKLPMSWK
PICHLI(CRQ)EPFFARYPDGISHFAQECFPEGLSIDRTVRFENDGTMTSHHTYELDDTCVVSRITVNCDGFQPDGPIMR
DQLVDILPNETHMFPHGPNAVRQLAFIGFTTADGGLMMGHFDSKMTFNGSRAIEIPGPHFVTIITKQMRDTSDKRDHVCQ
REVAYAHSVPRITSAIGSDED
;
_entity_poly.pdbx_strand_id   A,B
#
loop_
_chem_comp.id
_chem_comp.type
_chem_comp.name
_chem_comp.formula
NA non-polymer 'SODIUM ION' 'Na 1'
SO4 non-polymer 'SULFATE ION' 'O4 S -2'
#
# COMPACT_ATOMS: atom_id res chain seq x y z
N GLU A 24 -16.42 14.98 -28.06
CA GLU A 24 -16.46 13.76 -27.17
C GLU A 24 -15.04 13.22 -26.76
N GLY A 25 -14.80 13.17 -25.47
CA GLY A 25 -13.53 12.71 -24.93
C GLY A 25 -13.73 12.20 -23.52
N GLY A 26 -12.73 11.48 -23.03
CA GLY A 26 -12.73 10.98 -21.68
C GLY A 26 -13.79 9.94 -21.37
N PRO A 27 -14.37 10.00 -20.17
CA PRO A 27 -15.41 9.09 -19.72
C PRO A 27 -16.58 8.91 -20.69
N ALA A 28 -16.95 9.96 -21.44
CA ALA A 28 -17.96 9.83 -22.50
C ALA A 28 -17.66 8.69 -23.53
N LEU A 29 -16.39 8.40 -23.79
CA LEU A 29 -15.99 7.31 -24.70
C LEU A 29 -16.17 5.91 -24.06
N PHE A 30 -16.36 5.87 -22.75
CA PHE A 30 -16.40 4.60 -21.98
C PHE A 30 -17.81 4.23 -21.46
N GLN A 31 -18.84 4.95 -21.96
CA GLN A 31 -20.25 4.76 -21.59
C GLN A 31 -20.91 3.51 -22.18
N SER A 32 -20.21 2.81 -23.07
CA SER A 32 -20.74 1.65 -23.75
C SER A 32 -19.93 0.43 -23.36
N ASP A 33 -20.29 -0.71 -23.98
CA ASP A 33 -19.58 -1.99 -23.86
C ASP A 33 -18.38 -1.91 -24.76
N MET A 34 -17.27 -2.49 -24.33
CA MET A 34 -16.02 -2.25 -25.00
C MET A 34 -15.21 -3.50 -25.04
N THR A 35 -14.23 -3.55 -25.94
CA THR A 35 -13.35 -4.69 -26.05
C THR A 35 -11.93 -4.19 -25.86
N PHE A 36 -11.00 -5.12 -25.74
CA PHE A 36 -9.59 -4.79 -25.71
C PHE A 36 -8.72 -5.89 -26.27
N LYS A 37 -7.53 -5.49 -26.66
CA LYS A 37 -6.55 -6.41 -27.22
C LYS A 37 -5.20 -5.99 -26.68
N ILE A 38 -4.36 -6.97 -26.34
CA ILE A 38 -3.07 -6.73 -25.69
C ILE A 38 -2.03 -7.51 -26.43
N PHE A 39 -0.92 -6.84 -26.75
CA PHE A 39 0.26 -7.50 -27.27
C PHE A 39 1.43 -7.30 -26.33
N ILE A 40 1.91 -8.39 -25.74
CA ILE A 40 3.13 -8.40 -24.90
C ILE A 40 4.34 -9.04 -25.54
N ASP A 41 5.40 -8.23 -25.59
CA ASP A 41 6.72 -8.61 -26.02
C ASP A 41 7.66 -8.68 -24.80
N GLY A 42 8.00 -9.89 -24.34
CA GLY A 42 8.71 -10.04 -23.07
C GLY A 42 9.96 -10.86 -23.10
N GLU A 43 10.79 -10.73 -22.07
CA GLU A 43 11.84 -11.70 -21.77
C GLU A 43 11.99 -11.88 -20.25
N VAL A 44 12.25 -13.11 -19.81
CA VAL A 44 12.68 -13.35 -18.43
C VAL A 44 14.03 -14.04 -18.42
N ASN A 45 15.02 -13.43 -17.77
CA ASN A 45 16.39 -13.93 -17.73
C ASN A 45 16.80 -14.29 -19.15
N GLY A 46 16.61 -13.35 -20.09
CA GLY A 46 16.96 -13.53 -21.51
C GLY A 46 16.18 -14.54 -22.36
N GLN A 47 15.23 -15.25 -21.77
CA GLN A 47 14.35 -16.10 -22.59
C GLN A 47 13.19 -15.29 -23.10
N LYS A 48 13.04 -15.19 -24.42
CA LYS A 48 12.02 -14.36 -25.04
C LYS A 48 10.66 -15.00 -25.02
N PHE A 49 9.60 -14.21 -24.79
CA PHE A 49 8.22 -14.74 -24.86
C PHE A 49 7.26 -13.71 -25.45
N THR A 50 6.17 -14.22 -26.01
CA THR A 50 5.12 -13.38 -26.60
CA THR A 50 5.12 -13.37 -26.56
C THR A 50 3.78 -13.82 -26.02
N ILE A 51 3.00 -12.85 -25.55
CA ILE A 51 1.64 -13.04 -25.11
C ILE A 51 0.70 -12.15 -25.93
N VAL A 52 -0.44 -12.70 -26.30
CA VAL A 52 -1.51 -11.97 -26.91
C VAL A 52 -2.74 -12.27 -26.08
N ALA A 53 -3.58 -11.24 -25.87
CA ALA A 53 -4.73 -11.37 -25.01
C ALA A 53 -5.84 -10.48 -25.53
N ASP A 54 -7.08 -10.87 -25.25
CA ASP A 54 -8.22 -10.01 -25.53
C ASP A 54 -9.31 -10.30 -24.53
N GLY A 55 -10.27 -9.42 -24.45
CA GLY A 55 -11.42 -9.60 -23.61
C GLY A 55 -12.40 -8.51 -23.92
N SER A 56 -13.42 -8.43 -23.08
CA SER A 56 -14.40 -7.36 -23.21
C SER A 56 -14.81 -6.81 -21.85
N SER A 57 -15.31 -5.58 -21.86
CA SER A 57 -15.75 -4.95 -20.65
C SER A 57 -17.02 -4.15 -20.92
N LYS A 58 -18.07 -4.58 -20.23
CA LYS A 58 -19.41 -4.01 -20.31
C LYS A 58 -19.57 -2.87 -19.31
N PHE A 59 -20.22 -1.78 -19.72
CA PHE A 59 -20.53 -0.70 -18.80
C PHE A 59 -21.45 -1.20 -17.64
N PRO A 60 -21.24 -0.73 -16.37
CA PRO A 60 -20.32 0.29 -15.83
C PRO A 60 -18.88 -0.16 -15.60
N HIS A 61 -18.47 -1.31 -16.17
CA HIS A 61 -17.10 -1.82 -16.03
C HIS A 61 -16.81 -2.29 -14.58
N GLY A 62 -15.54 -2.35 -14.19
CA GLY A 62 -15.20 -2.78 -12.83
C GLY A 62 -15.17 -4.30 -12.60
N ASP A 63 -15.56 -5.09 -13.58
CA ASP A 63 -15.59 -6.55 -13.42
C ASP A 63 -15.50 -7.17 -14.81
N PHE A 64 -14.32 -7.69 -15.17
CA PHE A 64 -14.15 -8.08 -16.54
C PHE A 64 -13.14 -9.21 -16.64
N ASN A 65 -13.20 -9.92 -17.77
CA ASN A 65 -12.35 -11.11 -18.03
C ASN A 65 -11.37 -10.84 -19.17
N VAL A 66 -10.19 -11.45 -19.10
CA VAL A 66 -9.21 -11.44 -20.19
C VAL A 66 -8.80 -12.88 -20.55
N HIS A 67 -8.57 -13.13 -21.84
CA HIS A 67 -8.11 -14.45 -22.31
C HIS A 67 -6.75 -14.32 -22.98
N ALA A 68 -5.73 -14.96 -22.42
CA ALA A 68 -4.37 -14.77 -22.85
C ALA A 68 -3.78 -16.10 -23.38
N VAL A 69 -2.86 -15.97 -24.33
CA VAL A 69 -2.19 -17.12 -24.90
C VAL A 69 -0.73 -16.73 -25.01
N CYS A 70 0.13 -17.63 -24.52
CA CYS A 70 1.53 -17.52 -24.81
C CYS A 70 1.74 -18.01 -26.22
N GLU A 71 1.96 -17.07 -27.12
CA GLU A 71 2.17 -17.38 -28.55
C GLU A 71 3.41 -18.18 -28.80
N THR A 72 4.38 -18.15 -27.88
CA THR A 72 5.65 -18.85 -28.04
C THR A 72 5.70 -20.29 -27.44
N GLY A 73 4.55 -20.81 -27.00
CA GLY A 73 4.51 -22.10 -26.33
C GLY A 73 4.18 -22.02 -24.84
N LYS A 74 5.11 -22.53 -24.03
CA LYS A 74 4.94 -22.59 -22.58
C LYS A 74 5.59 -21.35 -22.02
N LEU A 75 4.92 -20.69 -21.06
CA LEU A 75 5.52 -19.50 -20.44
C LEU A 75 6.69 -19.95 -19.58
N PRO A 76 7.86 -19.34 -19.76
CA PRO A 76 9.06 -19.75 -19.03
C PRO A 76 9.12 -19.26 -17.57
N MET A 77 7.99 -18.80 -17.03
CA MET A 77 7.90 -18.35 -15.64
C MET A 77 6.46 -18.52 -15.22
N SER A 78 6.19 -18.32 -13.93
CA SER A 78 4.84 -18.34 -13.41
C SER A 78 3.96 -17.30 -14.16
N TRP A 79 2.71 -17.64 -14.41
CA TRP A 79 1.76 -16.70 -15.02
C TRP A 79 1.27 -15.66 -14.05
N LYS A 80 1.41 -15.94 -12.75
CA LYS A 80 0.87 -15.06 -11.71
C LYS A 80 1.39 -13.63 -11.82
N PRO A 81 2.72 -13.43 -11.90
CA PRO A 81 3.25 -12.05 -11.98
C PRO A 81 2.89 -11.32 -13.29
N ILE A 82 2.30 -12.03 -14.24
CA ILE A 82 1.82 -11.46 -15.50
C ILE A 82 0.46 -10.80 -15.29
N CYS A 83 -0.21 -11.09 -14.17
CA CYS A 83 -1.56 -10.61 -13.92
C CYS A 83 -1.75 -9.12 -14.20
N HIS A 84 -0.80 -8.30 -13.72
CA HIS A 84 -0.93 -6.85 -13.90
C HIS A 84 -0.63 -6.38 -15.33
N LEU A 85 0.00 -7.20 -16.15
CA LEU A 85 0.20 -6.81 -17.55
C LEU A 85 -1.06 -7.03 -18.41
N ILE A 86 -1.75 -8.15 -18.16
CA ILE A 86 -2.96 -8.47 -18.93
C ILE A 86 -4.21 -7.93 -18.27
N1 CRQ A 87 -4.34 -7.19 -17.14
CA1 CRQ A 87 -4.97 -6.59 -16.21
CB1 CRQ A 87 -6.38 -7.08 -15.82
CG1 CRQ A 87 -7.00 -8.11 -16.76
C1 CRQ A 87 -4.36 -5.43 -15.45
N2 CRQ A 87 -4.34 -5.35 -14.07
N3 CRQ A 87 -3.78 -4.32 -15.99
C2 CRQ A 87 -3.38 -3.59 -14.96
O2 CRQ A 87 -2.70 -2.29 -15.02
CA2 CRQ A 87 -3.72 -4.19 -13.69
CA3 CRQ A 87 -3.57 -4.00 -17.39
CB2 CRQ A 87 -3.38 -3.56 -12.37
CG2 CRQ A 87 -3.18 -4.56 -11.25
CD1 CRQ A 87 -2.63 -4.09 -10.07
CD2 CRQ A 87 -3.56 -5.89 -11.38
CE1 CRQ A 87 -2.47 -5.00 -9.02
CE2 CRQ A 87 -3.39 -6.80 -10.33
CZ CRQ A 87 -2.85 -6.35 -9.12
OH CRQ A 87 -2.72 -7.22 -8.04
OE1 CRQ A 87 -7.89 -9.74 -15.22
C3 CRQ A 87 -4.42 -2.92 -17.99
O3 CRQ A 87 -4.03 -2.48 -19.08
CD3 CRQ A 87 -8.12 -8.97 -16.15
NE1 CRQ A 87 -9.35 -8.84 -16.64
N GLU A 88 -5.63 -2.85 -17.40
CA GLU A 88 -6.70 -2.07 -18.13
C GLU A 88 -7.31 -1.06 -17.15
N PRO A 89 -6.54 -0.01 -16.76
CA PRO A 89 -6.97 0.90 -15.69
C PRO A 89 -8.24 1.68 -16.00
N PHE A 90 -8.49 1.91 -17.29
CA PHE A 90 -9.70 2.58 -17.79
C PHE A 90 -10.95 1.72 -17.60
N PHE A 91 -10.83 0.41 -17.30
CA PHE A 91 -12.00 -0.44 -16.96
C PHE A 91 -12.28 -0.60 -15.45
N ALA A 92 -11.48 0.07 -14.60
CA ALA A 92 -11.84 0.19 -13.18
C ALA A 92 -13.13 1.01 -13.06
N ARG A 93 -13.98 0.65 -12.10
CA ARG A 93 -15.21 1.39 -11.90
C ARG A 93 -14.95 2.58 -10.95
N TYR A 94 -15.11 3.81 -11.47
CA TYR A 94 -14.87 5.02 -10.66
C TYR A 94 -16.21 5.61 -10.23
N PRO A 95 -16.33 6.01 -8.97
CA PRO A 95 -17.58 6.65 -8.57
C PRO A 95 -17.58 8.14 -8.91
N ASP A 96 -18.65 8.87 -8.64
N ASP A 96 -18.75 8.72 -8.75
CA ASP A 96 -18.81 10.27 -9.15
CA ASP A 96 -18.99 10.15 -8.51
C ASP A 96 -17.86 11.42 -8.66
C ASP A 96 -17.85 11.12 -8.61
N GLY A 97 -17.35 11.40 -7.43
CA GLY A 97 -16.42 12.42 -7.10
C GLY A 97 -14.96 12.11 -7.18
N ILE A 98 -14.58 11.11 -7.98
CA ILE A 98 -13.15 10.87 -8.22
C ILE A 98 -12.88 10.88 -9.76
N SER A 99 -12.02 11.79 -10.22
CA SER A 99 -11.68 11.84 -11.68
C SER A 99 -11.02 10.56 -12.11
N HIS A 100 -11.46 10.00 -13.23
CA HIS A 100 -10.95 8.71 -13.68
C HIS A 100 -9.87 9.03 -14.71
N PHE A 101 -8.66 9.24 -14.21
CA PHE A 101 -7.54 9.62 -15.09
C PHE A 101 -7.42 8.81 -16.37
N ALA A 102 -7.35 7.47 -16.28
CA ALA A 102 -7.09 6.61 -17.44
C ALA A 102 -8.11 6.79 -18.58
N GLN A 103 -9.40 6.89 -18.20
CA GLN A 103 -10.46 7.32 -19.14
C GLN A 103 -10.26 8.73 -19.70
N GLU A 104 -9.89 9.69 -18.85
CA GLU A 104 -9.71 11.06 -19.30
C GLU A 104 -8.62 11.16 -20.36
N CYS A 105 -7.72 10.17 -20.41
CA CYS A 105 -6.58 10.22 -21.35
C CYS A 105 -6.95 10.05 -22.82
N PHE A 106 -8.18 9.61 -23.08
CA PHE A 106 -8.60 9.31 -24.43
C PHE A 106 -9.34 10.49 -25.06
N PRO A 107 -9.28 10.64 -26.40
CA PRO A 107 -8.73 9.77 -27.47
C PRO A 107 -7.20 9.74 -27.63
N GLU A 108 -6.49 10.69 -27.00
CA GLU A 108 -5.05 10.85 -27.31
C GLU A 108 -4.27 9.61 -26.87
N GLY A 109 -4.64 9.05 -25.73
CA GLY A 109 -4.01 7.82 -25.28
C GLY A 109 -3.17 8.03 -24.02
N LEU A 110 -2.63 6.93 -23.54
CA LEU A 110 -2.06 6.82 -22.25
C LEU A 110 -0.81 5.94 -22.40
N SER A 111 0.25 6.28 -21.65
CA SER A 111 1.37 5.37 -21.49
CA SER A 111 1.37 5.38 -21.49
C SER A 111 1.50 4.99 -20.02
N ILE A 112 2.11 3.83 -19.78
CA ILE A 112 2.43 3.39 -18.43
C ILE A 112 3.88 2.95 -18.44
N ASP A 113 4.66 3.44 -17.49
CA ASP A 113 6.01 2.91 -17.22
C ASP A 113 5.99 2.32 -15.81
N ARG A 114 6.33 1.04 -15.68
CA ARG A 114 6.01 0.35 -14.43
C ARG A 114 7.19 -0.52 -13.99
N THR A 115 7.50 -0.51 -12.69
CA THR A 115 8.41 -1.54 -12.15
C THR A 115 7.75 -2.33 -11.06
N VAL A 116 8.02 -3.63 -11.04
CA VAL A 116 7.63 -4.45 -9.89
C VAL A 116 8.84 -5.19 -9.44
N ARG A 117 9.34 -4.82 -8.27
CA ARG A 117 10.50 -5.44 -7.72
C ARG A 117 10.08 -6.50 -6.73
N PHE A 118 10.49 -7.73 -6.97
CA PHE A 118 10.20 -8.83 -6.05
C PHE A 118 11.28 -9.02 -5.02
N GLU A 119 10.87 -9.16 -3.76
CA GLU A 119 11.80 -9.44 -2.66
C GLU A 119 12.48 -10.79 -2.87
N ASN A 120 13.80 -10.80 -2.74
CA ASN A 120 14.64 -11.99 -2.95
C ASN A 120 14.46 -12.58 -4.34
N ASP A 121 14.02 -11.77 -5.30
CA ASP A 121 13.92 -12.27 -6.65
C ASP A 121 14.09 -11.09 -7.64
N GLY A 122 13.48 -11.24 -8.82
CA GLY A 122 13.78 -10.40 -9.96
C GLY A 122 12.98 -9.12 -10.02
N THR A 123 13.25 -8.28 -11.03
CA THR A 123 12.45 -7.05 -11.23
C THR A 123 11.81 -7.10 -12.60
N MET A 124 10.49 -6.80 -12.67
CA MET A 124 9.83 -6.71 -13.97
C MET A 124 9.69 -5.22 -14.31
N THR A 125 10.28 -4.82 -15.42
CA THR A 125 10.15 -3.46 -15.94
C THR A 125 9.35 -3.48 -17.22
N SER A 126 8.23 -2.78 -17.25
CA SER A 126 7.33 -2.79 -18.41
C SER A 126 7.00 -1.39 -18.88
N HIS A 127 6.80 -1.31 -20.20
CA HIS A 127 6.40 -0.07 -20.85
C HIS A 127 5.20 -0.35 -21.70
N HIS A 128 4.09 0.32 -21.35
CA HIS A 128 2.79 0.10 -22.01
C HIS A 128 2.39 1.33 -22.80
N THR A 129 1.78 1.13 -23.96
CA THR A 129 1.05 2.23 -24.59
C THR A 129 -0.38 1.76 -24.87
N TYR A 130 -1.35 2.68 -24.84
CA TYR A 130 -2.75 2.33 -25.02
C TYR A 130 -3.34 3.25 -26.06
N GLU A 131 -4.12 2.68 -26.96
CA GLU A 131 -4.70 3.41 -28.07
C GLU A 131 -6.14 2.97 -28.22
N LEU A 132 -7.02 3.93 -28.53
CA LEU A 132 -8.43 3.61 -28.67
C LEU A 132 -8.72 3.50 -30.14
N ASP A 133 -9.24 2.35 -30.59
CA ASP A 133 -9.76 2.20 -31.98
C ASP A 133 -11.24 1.85 -31.93
N ASP A 134 -12.07 2.87 -32.12
CA ASP A 134 -13.53 2.75 -32.04
C ASP A 134 -13.96 2.41 -30.60
N THR A 135 -14.34 1.16 -30.33
CA THR A 135 -14.68 0.75 -28.97
C THR A 135 -13.70 -0.31 -28.46
N CYS A 136 -12.54 -0.41 -29.10
CA CYS A 136 -11.52 -1.37 -28.70
C CYS A 136 -10.26 -0.61 -28.24
N VAL A 137 -9.78 -0.91 -27.03
CA VAL A 137 -8.52 -0.34 -26.57
C VAL A 137 -7.41 -1.34 -26.86
N VAL A 138 -6.46 -0.93 -27.69
CA VAL A 138 -5.27 -1.72 -28.01
C VAL A 138 -4.06 -1.34 -27.14
N SER A 139 -3.42 -2.35 -26.59
CA SER A 139 -2.34 -2.19 -25.63
C SER A 139 -1.12 -2.88 -26.22
N ARG A 140 0.01 -2.16 -26.21
CA ARG A 140 1.30 -2.73 -26.63
C ARG A 140 2.27 -2.53 -25.51
N ILE A 141 2.84 -3.65 -25.03
CA ILE A 141 3.70 -3.68 -23.89
C ILE A 141 4.99 -4.42 -24.19
N THR A 142 6.09 -3.80 -23.77
CA THR A 142 7.40 -4.49 -23.64
C THR A 142 7.69 -4.75 -22.16
N VAL A 143 8.12 -5.95 -21.83
CA VAL A 143 8.50 -6.25 -20.45
C VAL A 143 9.84 -6.95 -20.44
N ASN A 144 10.67 -6.49 -19.50
CA ASN A 144 11.97 -7.03 -19.21
C ASN A 144 11.98 -7.56 -17.76
N CYS A 145 12.00 -8.88 -17.62
CA CYS A 145 12.02 -9.51 -16.32
C CYS A 145 13.43 -10.03 -16.06
N ASP A 146 14.17 -9.35 -15.23
CA ASP A 146 15.58 -9.60 -15.03
C ASP A 146 15.94 -9.91 -13.58
N GLY A 147 16.89 -10.83 -13.42
CA GLY A 147 17.45 -11.15 -12.10
C GLY A 147 16.58 -12.11 -11.33
N PHE A 148 15.77 -12.92 -12.02
CA PHE A 148 14.84 -13.81 -11.32
C PHE A 148 15.59 -15.06 -10.89
N GLN A 149 15.26 -15.60 -9.71
CA GLN A 149 15.91 -16.80 -9.18
C GLN A 149 15.43 -18.07 -9.85
N PRO A 150 16.36 -18.72 -10.58
CA PRO A 150 16.02 -19.94 -11.32
C PRO A 150 15.42 -20.98 -10.36
N ASP A 151 15.83 -20.96 -9.09
CA ASP A 151 15.26 -21.89 -8.12
C ASP A 151 14.24 -21.30 -7.14
N GLY A 152 13.74 -20.10 -7.45
CA GLY A 152 12.72 -19.45 -6.68
C GLY A 152 11.34 -19.84 -7.17
N PRO A 153 10.28 -19.41 -6.43
CA PRO A 153 8.90 -19.80 -6.73
C PRO A 153 8.34 -19.20 -8.04
N ILE A 154 8.93 -18.12 -8.55
CA ILE A 154 8.48 -17.53 -9.84
C ILE A 154 8.90 -18.41 -11.00
N MET A 155 10.19 -18.72 -11.06
CA MET A 155 10.73 -19.54 -12.15
C MET A 155 10.30 -21.00 -12.03
N ARG A 156 10.18 -21.51 -10.80
CA ARG A 156 9.66 -22.88 -10.56
C ARG A 156 8.14 -23.01 -10.59
N ASP A 157 7.43 -21.91 -10.85
CA ASP A 157 5.95 -21.96 -10.94
C ASP A 157 5.26 -22.48 -9.67
N GLN A 158 5.71 -21.99 -8.52
CA GLN A 158 5.16 -22.39 -7.20
C GLN A 158 4.26 -21.35 -6.53
N LEU A 159 3.91 -20.31 -7.29
CA LEU A 159 2.89 -19.34 -6.84
C LEU A 159 1.47 -19.84 -7.12
N VAL A 160 0.62 -19.77 -6.08
CA VAL A 160 -0.74 -20.32 -6.07
C VAL A 160 -1.89 -19.30 -6.15
N ASP A 161 -1.84 -18.24 -5.34
CA ASP A 161 -2.92 -17.23 -5.26
C ASP A 161 -2.31 -15.86 -5.49
N ILE A 162 -3.12 -14.93 -5.96
CA ILE A 162 -2.78 -13.51 -6.02
C ILE A 162 -3.60 -12.82 -4.93
N LEU A 163 -2.95 -12.15 -3.98
CA LEU A 163 -3.69 -11.56 -2.87
C LEU A 163 -4.43 -10.32 -3.38
N PRO A 164 -5.64 -10.03 -2.86
CA PRO A 164 -6.22 -8.76 -3.26
C PRO A 164 -5.44 -7.58 -2.72
N ASN A 165 -5.46 -6.46 -3.43
CA ASN A 165 -4.86 -5.28 -2.84
C ASN A 165 -5.62 -3.97 -2.89
N GLU A 166 -5.14 -3.03 -2.08
CA GLU A 166 -5.62 -1.66 -2.06
C GLU A 166 -4.52 -0.79 -2.68
N THR A 167 -4.54 -0.64 -4.01
CA THR A 167 -3.51 0.15 -4.64
C THR A 167 -3.73 1.64 -4.33
N HIS A 168 -2.63 2.39 -4.29
CA HIS A 168 -2.67 3.77 -3.85
C HIS A 168 -2.43 4.62 -5.06
N MET A 169 -3.34 5.54 -5.39
CA MET A 169 -3.14 6.43 -6.56
C MET A 169 -2.85 7.85 -6.09
N PHE A 170 -1.83 8.47 -6.69
CA PHE A 170 -1.40 9.81 -6.29
C PHE A 170 -1.33 10.71 -7.50
N PRO A 171 -1.61 12.03 -7.36
CA PRO A 171 -1.29 12.97 -8.46
C PRO A 171 0.21 13.00 -8.70
N HIS A 172 0.62 13.17 -9.95
CA HIS A 172 2.05 13.10 -10.24
C HIS A 172 2.38 14.15 -11.31
N GLY A 173 2.25 15.42 -10.89
CA GLY A 173 2.34 16.56 -11.81
C GLY A 173 1.06 16.77 -12.60
N PRO A 174 1.04 17.77 -13.52
CA PRO A 174 -0.17 18.06 -14.32
C PRO A 174 -0.57 17.05 -15.43
N ASN A 175 0.23 16.03 -15.71
CA ASN A 175 -0.07 15.09 -16.82
C ASN A 175 0.05 13.59 -16.51
N ALA A 176 0.15 13.29 -15.22
CA ALA A 176 0.34 11.91 -14.78
C ALA A 176 -0.22 11.63 -13.36
N VAL A 177 -0.36 10.32 -13.08
N VAL A 177 -0.46 10.35 -13.09
CA VAL A 177 -0.81 9.77 -11.82
CA VAL A 177 -0.69 9.87 -11.75
C VAL A 177 0.11 8.60 -11.49
C VAL A 177 0.34 8.78 -11.49
N ARG A 178 0.49 8.43 -10.22
CA ARG A 178 1.38 7.34 -9.85
C ARG A 178 0.56 6.35 -9.03
N GLN A 179 0.69 5.05 -9.34
CA GLN A 179 0.05 3.96 -8.63
C GLN A 179 1.10 3.11 -7.92
N LEU A 180 0.96 3.05 -6.60
CA LEU A 180 1.84 2.26 -5.74
C LEU A 180 1.05 1.10 -5.12
N ALA A 181 1.66 -0.07 -5.09
CA ALA A 181 0.98 -1.26 -4.52
C ALA A 181 1.96 -2.30 -3.95
N PHE A 182 1.42 -3.16 -3.08
CA PHE A 182 2.14 -4.34 -2.54
C PHE A 182 1.42 -5.53 -3.15
N ILE A 183 2.05 -6.17 -4.12
CA ILE A 183 1.37 -7.27 -4.77
C ILE A 183 2.01 -8.55 -4.25
N GLY A 184 1.21 -9.33 -3.52
CA GLY A 184 1.69 -10.58 -2.91
C GLY A 184 1.04 -11.77 -3.59
N PHE A 185 1.81 -12.86 -3.62
CA PHE A 185 1.47 -14.14 -4.23
C PHE A 185 1.86 -15.20 -3.19
N THR A 186 0.90 -16.05 -2.85
CA THR A 186 1.21 -17.14 -1.93
C THR A 186 1.94 -18.24 -2.67
N THR A 187 2.81 -18.93 -1.94
CA THR A 187 3.59 -20.01 -2.52
C THR A 187 2.96 -21.31 -2.05
N ALA A 188 3.30 -22.41 -2.72
CA ALA A 188 2.74 -23.74 -2.41
C ALA A 188 3.03 -24.09 -0.97
N ASP A 189 4.20 -23.76 -0.48
CA ASP A 189 4.53 -24.06 0.89
C ASP A 189 4.02 -23.06 1.93
N GLY A 190 3.01 -22.28 1.55
CA GLY A 190 2.38 -21.30 2.42
C GLY A 190 3.20 -20.04 2.68
N GLY A 191 4.22 -19.77 1.87
CA GLY A 191 4.99 -18.56 2.01
C GLY A 191 4.36 -17.42 1.23
N LEU A 192 5.07 -16.30 1.13
CA LEU A 192 4.58 -15.16 0.33
C LEU A 192 5.69 -14.56 -0.49
N MET A 193 5.44 -14.38 -1.78
CA MET A 193 6.39 -13.68 -2.63
C MET A 193 5.80 -12.26 -2.77
N MET A 194 6.55 -11.24 -2.31
CA MET A 194 6.09 -9.88 -2.32
C MET A 194 6.71 -9.02 -3.42
N GLY A 195 5.86 -8.36 -4.22
CA GLY A 195 6.32 -7.44 -5.25
C GLY A 195 6.03 -6.00 -4.86
N HIS A 196 7.04 -5.11 -4.98
CA HIS A 196 6.84 -3.65 -4.80
C HIS A 196 6.53 -3.02 -6.19
N PHE A 197 5.29 -2.57 -6.35
CA PHE A 197 4.75 -2.14 -7.63
C PHE A 197 4.73 -0.60 -7.63
N ASP A 198 5.31 -0.01 -8.69
CA ASP A 198 5.44 1.42 -8.83
C ASP A 198 5.18 1.74 -10.30
N SER A 199 4.14 2.52 -10.56
CA SER A 199 3.66 2.64 -11.92
C SER A 199 3.24 4.06 -12.15
N LYS A 200 3.75 4.65 -13.24
CA LYS A 200 3.37 5.97 -13.71
C LYS A 200 2.52 5.88 -14.98
N MET A 201 1.33 6.46 -14.91
CA MET A 201 0.44 6.60 -16.08
C MET A 201 0.47 8.05 -16.57
N THR A 202 0.78 8.26 -17.84
CA THR A 202 1.00 9.61 -18.40
C THR A 202 0.10 9.83 -19.60
N PHE A 203 -0.51 10.98 -19.65
CA PHE A 203 -1.35 11.41 -20.73
C PHE A 203 -0.43 11.76 -21.93
N ASN A 204 -0.78 11.26 -23.11
CA ASN A 204 -0.02 11.64 -24.28
C ASN A 204 -0.62 12.76 -25.13
N GLY A 205 -1.35 13.68 -24.52
CA GLY A 205 -1.89 14.80 -25.26
C GLY A 205 -1.43 16.13 -24.73
N SER A 206 -1.84 17.20 -25.42
CA SER A 206 -1.45 18.57 -25.03
C SER A 206 -2.56 19.36 -24.28
N ARG A 207 -3.81 18.90 -24.36
CA ARG A 207 -4.98 19.41 -23.57
C ARG A 207 -4.71 19.36 -22.05
N ALA A 208 -5.27 20.33 -21.32
CA ALA A 208 -5.29 20.21 -19.85
C ALA A 208 -6.26 19.10 -19.43
N ILE A 209 -5.79 18.28 -18.47
N ILE A 209 -5.81 18.19 -18.55
CA ILE A 209 -6.52 17.12 -17.94
CA ILE A 209 -6.79 17.27 -17.94
C ILE A 209 -6.71 17.24 -16.41
C ILE A 209 -6.76 17.27 -16.44
N GLU A 210 -7.87 16.85 -15.87
CA GLU A 210 -8.08 16.84 -14.42
C GLU A 210 -7.27 15.70 -13.75
N ILE A 211 -6.40 16.06 -12.82
CA ILE A 211 -5.63 15.04 -12.07
C ILE A 211 -6.38 14.72 -10.76
N PRO A 212 -6.73 13.44 -10.51
CA PRO A 212 -7.46 13.21 -9.25
C PRO A 212 -6.55 13.40 -8.03
N GLY A 213 -7.13 13.80 -6.90
CA GLY A 213 -6.38 13.79 -5.64
C GLY A 213 -6.12 12.36 -5.22
N PRO A 214 -5.31 12.16 -4.17
CA PRO A 214 -5.00 10.84 -3.62
C PRO A 214 -6.25 9.98 -3.46
N HIS A 215 -6.18 8.72 -3.90
CA HIS A 215 -7.31 7.84 -3.69
C HIS A 215 -6.78 6.39 -3.75
N PHE A 216 -7.69 5.43 -3.85
CA PHE A 216 -7.29 4.02 -3.90
C PHE A 216 -8.08 3.31 -4.97
N VAL A 217 -7.46 2.27 -5.52
CA VAL A 217 -8.18 1.35 -6.39
C VAL A 217 -8.07 -0.03 -5.78
N THR A 218 -9.21 -0.60 -5.37
CA THR A 218 -9.21 -2.00 -4.89
C THR A 218 -9.16 -2.98 -6.06
N ILE A 219 -8.28 -3.98 -5.97
CA ILE A 219 -8.07 -4.90 -7.10
C ILE A 219 -8.06 -6.36 -6.64
N ILE A 220 -8.96 -7.16 -7.21
CA ILE A 220 -9.20 -8.54 -6.81
C ILE A 220 -9.10 -9.34 -8.10
N THR A 221 -8.17 -10.28 -8.12
CA THR A 221 -7.79 -11.00 -9.32
C THR A 221 -7.86 -12.52 -9.14
N LYS A 222 -8.27 -13.23 -10.19
CA LYS A 222 -8.29 -14.69 -10.15
C LYS A 222 -7.91 -15.22 -11.54
N GLN A 223 -6.92 -16.11 -11.56
CA GLN A 223 -6.37 -16.64 -12.81
C GLN A 223 -6.72 -18.12 -12.96
N MET A 224 -7.14 -18.51 -14.15
CA MET A 224 -7.63 -19.86 -14.44
C MET A 224 -6.77 -20.41 -15.57
N ARG A 225 -6.16 -21.58 -15.35
CA ARG A 225 -5.54 -22.35 -16.41
C ARG A 225 -6.60 -22.92 -17.35
N ASP A 226 -6.37 -22.72 -18.64
CA ASP A 226 -7.30 -23.15 -19.67
C ASP A 226 -6.77 -24.34 -20.47
N THR A 227 -7.68 -25.00 -21.19
CA THR A 227 -7.30 -26.09 -22.08
C THR A 227 -6.24 -25.59 -23.08
N SER A 228 -5.01 -26.03 -22.85
CA SER A 228 -3.87 -25.69 -23.64
C SER A 228 -3.51 -26.94 -24.43
N ASP A 229 -2.49 -26.84 -25.28
CA ASP A 229 -1.96 -27.95 -26.06
C ASP A 229 -0.52 -27.55 -26.33
N LYS A 230 -0.29 -26.86 -27.45
CA LYS A 230 1.04 -26.30 -27.78
C LYS A 230 1.30 -24.98 -27.03
N ARG A 231 0.26 -24.19 -26.78
CA ARG A 231 0.42 -22.86 -26.20
C ARG A 231 -0.33 -22.77 -24.86
N ASP A 232 0.28 -22.13 -23.85
CA ASP A 232 -0.45 -21.83 -22.62
C ASP A 232 -1.64 -20.94 -22.91
N HIS A 233 -2.79 -21.35 -22.39
CA HIS A 233 -4.01 -20.59 -22.44
C HIS A 233 -4.46 -20.31 -21.00
N VAL A 234 -4.58 -19.02 -20.64
CA VAL A 234 -4.93 -18.63 -19.27
C VAL A 234 -6.13 -17.63 -19.31
N CYS A 235 -7.09 -17.76 -18.41
CA CYS A 235 -8.17 -16.80 -18.28
C CYS A 235 -7.97 -16.05 -16.96
N GLN A 236 -8.27 -14.76 -16.96
CA GLN A 236 -8.15 -13.99 -15.72
C GLN A 236 -9.35 -13.09 -15.51
N ARG A 237 -9.88 -13.11 -14.30
CA ARG A 237 -10.92 -12.17 -13.92
C ARG A 237 -10.39 -11.12 -12.94
N GLU A 238 -10.84 -9.86 -13.13
CA GLU A 238 -10.44 -8.77 -12.23
C GLU A 238 -11.62 -7.93 -11.89
N VAL A 239 -11.81 -7.71 -10.60
CA VAL A 239 -12.71 -6.71 -10.04
C VAL A 239 -11.83 -5.53 -9.58
N ALA A 240 -12.13 -4.34 -10.07
CA ALA A 240 -11.33 -3.17 -9.73
C ALA A 240 -12.22 -1.98 -9.57
N TYR A 241 -12.08 -1.27 -8.48
CA TYR A 241 -12.93 -0.08 -8.26
C TYR A 241 -12.23 0.89 -7.35
N ALA A 242 -12.47 2.17 -7.59
CA ALA A 242 -11.89 3.26 -6.86
C ALA A 242 -12.74 3.66 -5.67
N HIS A 243 -12.05 4.08 -4.61
CA HIS A 243 -12.74 4.65 -3.43
C HIS A 243 -11.76 5.67 -2.82
N SER A 244 -12.17 6.53 -1.86
N SER A 244 -12.29 6.60 -2.05
CA SER A 244 -11.25 7.62 -1.31
CA SER A 244 -11.43 7.24 -1.14
C SER A 244 -10.85 7.91 0.21
C SER A 244 -11.54 6.48 0.16
N VAL A 245 -11.52 7.30 1.17
CA VAL A 245 -11.11 7.05 2.60
C VAL A 245 -11.41 8.29 3.44
N PRO A 246 -11.92 8.10 4.69
CA PRO A 246 -12.20 9.30 5.52
C PRO A 246 -11.02 10.30 5.67
N ARG A 247 -11.39 11.52 5.99
CA ARG A 247 -10.47 12.47 6.54
C ARG A 247 -11.05 12.87 7.88
N ILE A 248 -10.19 13.39 8.74
CA ILE A 248 -10.59 13.94 10.02
C ILE A 248 -10.74 15.44 9.76
N THR A 249 -11.87 15.99 10.19
CA THR A 249 -12.23 17.41 10.02
C THR A 249 -12.50 18.13 11.34
N GLU B 24 -8.96 -14.90 24.90
CA GLU B 24 -8.00 -15.59 24.00
C GLU B 24 -6.58 -15.65 24.57
N GLY B 25 -6.31 -14.80 25.56
CA GLY B 25 -7.29 -13.88 26.10
C GLY B 25 -6.83 -12.42 26.04
N GLY B 26 -6.03 -12.09 25.03
CA GLY B 26 -5.55 -10.73 24.87
C GLY B 26 -6.68 -9.82 24.44
N PRO B 27 -7.39 -10.19 23.35
CA PRO B 27 -8.58 -9.41 22.96
C PRO B 27 -9.60 -9.18 24.11
N ALA B 28 -9.84 -10.19 24.97
CA ALA B 28 -10.67 -10.01 26.19
C ALA B 28 -10.16 -8.89 27.13
N LEU B 29 -8.84 -8.80 27.33
CA LEU B 29 -8.27 -7.69 28.09
CA LEU B 29 -8.29 -7.70 28.10
C LEU B 29 -8.64 -6.33 27.49
N PHE B 30 -8.58 -6.21 26.17
CA PHE B 30 -8.91 -4.94 25.50
C PHE B 30 -10.40 -4.56 25.50
N GLN B 31 -11.24 -5.37 26.15
CA GLN B 31 -12.66 -5.00 26.35
C GLN B 31 -12.80 -3.88 27.39
N SER B 32 -11.72 -3.66 28.15
CA SER B 32 -11.59 -2.49 29.04
C SER B 32 -11.22 -1.17 28.34
N ASP B 33 -11.57 -0.07 29.00
CA ASP B 33 -11.01 1.24 28.69
C ASP B 33 -9.57 1.26 29.17
N MET B 34 -8.66 1.81 28.36
CA MET B 34 -7.24 1.76 28.69
C MET B 34 -6.60 3.11 28.56
N THR B 35 -5.37 3.19 29.05
CA THR B 35 -4.54 4.37 28.92
C THR B 35 -3.21 3.91 28.35
N PHE B 36 -2.38 4.87 27.95
CA PHE B 36 -1.10 4.52 27.37
C PHE B 36 -0.08 5.60 27.65
N LYS B 37 1.20 5.21 27.64
CA LYS B 37 2.28 6.13 27.84
C LYS B 37 3.40 5.69 26.92
N ILE B 38 4.06 6.65 26.28
CA ILE B 38 5.06 6.35 25.27
C ILE B 38 6.27 7.18 25.58
N PHE B 39 7.45 6.54 25.63
CA PHE B 39 8.71 7.25 25.83
C PHE B 39 9.54 7.05 24.56
N ILE B 40 9.84 8.13 23.84
CA ILE B 40 10.58 8.02 22.57
C ILE B 40 11.96 8.66 22.79
N ASP B 41 13.00 7.84 22.60
CA ASP B 41 14.41 8.27 22.62
C ASP B 41 14.86 8.36 21.16
N GLY B 42 15.10 9.57 20.65
CA GLY B 42 15.36 9.73 19.20
C GLY B 42 16.62 10.51 18.87
N GLU B 43 17.08 10.34 17.62
CA GLU B 43 18.02 11.27 17.05
C GLU B 43 17.71 11.45 15.56
N VAL B 44 17.89 12.67 15.09
CA VAL B 44 17.86 12.98 13.66
C VAL B 44 19.20 13.63 13.29
N ASN B 45 19.88 13.03 12.32
CA ASN B 45 21.16 13.52 11.84
C ASN B 45 22.14 13.81 12.98
N GLY B 46 22.07 13.01 14.01
CA GLY B 46 23.00 13.15 15.11
C GLY B 46 22.53 14.05 16.25
N GLN B 47 21.37 14.68 16.09
N GLN B 47 21.39 14.73 16.07
CA GLN B 47 20.83 15.57 17.12
CA GLN B 47 20.76 15.58 17.10
C GLN B 47 19.72 14.85 17.92
C GLN B 47 19.75 14.78 17.91
N LYS B 48 19.98 14.65 19.21
CA LYS B 48 19.11 13.87 20.09
C LYS B 48 17.81 14.56 20.40
N PHE B 49 16.72 13.81 20.47
CA PHE B 49 15.46 14.37 20.93
C PHE B 49 14.69 13.40 21.82
N THR B 50 13.83 13.91 22.68
CA THR B 50 13.03 13.06 23.53
C THR B 50 11.62 13.54 23.45
N ILE B 51 10.70 12.61 23.27
CA ILE B 51 9.27 12.85 23.27
C ILE B 51 8.59 11.95 24.33
N VAL B 52 7.76 12.57 25.16
CA VAL B 52 6.83 11.82 26.00
C VAL B 52 5.38 12.04 25.56
N ALA B 53 4.65 10.95 25.47
CA ALA B 53 3.26 10.99 24.98
C ALA B 53 2.37 10.17 25.90
N ASP B 54 1.08 10.50 25.93
CA ASP B 54 0.17 9.75 26.75
C ASP B 54 -1.25 9.88 26.22
N GLY B 55 -2.12 8.97 26.59
CA GLY B 55 -3.52 9.14 26.23
C GLY B 55 -4.41 8.08 26.79
N SER B 56 -5.66 8.08 26.34
CA SER B 56 -6.68 7.14 26.78
C SER B 56 -7.27 6.52 25.53
N SER B 57 -7.78 5.30 25.64
CA SER B 57 -8.64 4.77 24.61
C SER B 57 -9.67 3.86 25.24
N LYS B 58 -10.93 4.26 25.10
CA LYS B 58 -12.12 3.51 25.52
C LYS B 58 -12.55 2.46 24.52
N PHE B 59 -12.96 1.28 25.01
CA PHE B 59 -13.59 0.29 24.15
C PHE B 59 -14.73 0.96 23.36
N PRO B 60 -14.88 0.63 22.08
CA PRO B 60 -14.27 -0.36 21.19
C PRO B 60 -12.99 0.08 20.49
N HIS B 61 -12.39 1.21 20.93
CA HIS B 61 -11.08 1.67 20.40
C HIS B 61 -11.21 2.12 18.93
N GLY B 62 -10.12 2.10 18.16
CA GLY B 62 -10.18 2.52 16.76
C GLY B 62 -10.28 4.02 16.50
N ASP B 63 -10.36 4.81 17.56
CA ASP B 63 -10.44 6.27 17.44
C ASP B 63 -10.05 6.91 18.77
N PHE B 64 -8.83 7.45 18.82
CA PHE B 64 -8.28 7.92 20.10
C PHE B 64 -7.27 9.01 19.84
N ASN B 65 -6.99 9.79 20.88
CA ASN B 65 -6.09 10.92 20.78
C ASN B 65 -4.83 10.61 21.56
N VAL B 66 -3.74 11.28 21.20
CA VAL B 66 -2.50 11.23 21.99
C VAL B 66 -1.98 12.66 22.18
N HIS B 67 -1.51 12.94 23.37
CA HIS B 67 -0.85 14.20 23.67
C HIS B 67 0.66 13.91 23.76
N ALA B 68 1.43 14.50 22.85
CA ALA B 68 2.85 14.24 22.75
C ALA B 68 3.62 15.54 22.96
N VAL B 69 4.68 15.48 23.74
CA VAL B 69 5.46 16.66 24.10
C VAL B 69 6.91 16.42 23.76
N CYS B 70 7.56 17.37 23.10
CA CYS B 70 9.00 17.25 22.95
C CYS B 70 9.70 17.78 24.22
N GLU B 71 10.33 16.87 24.96
CA GLU B 71 10.98 17.24 26.24
CA GLU B 71 11.01 17.16 26.25
C GLU B 71 12.36 17.91 26.10
N THR B 72 12.87 17.96 24.89
CA THR B 72 14.16 18.57 24.61
C THR B 72 13.98 20.01 23.96
N GLY B 73 12.89 20.68 24.28
CA GLY B 73 12.74 22.08 23.90
C GLY B 73 11.90 22.19 22.65
N LYS B 74 12.52 21.99 21.48
CA LYS B 74 11.92 22.18 20.15
C LYS B 74 12.28 20.98 19.31
N LEU B 75 11.31 20.34 18.67
CA LEU B 75 11.62 19.13 17.87
C LEU B 75 12.43 19.61 16.65
N PRO B 76 13.57 18.97 16.36
CA PRO B 76 14.43 19.44 15.26
C PRO B 76 13.92 19.09 13.84
N MET B 77 12.76 18.47 13.72
CA MET B 77 12.25 18.10 12.38
C MET B 77 10.75 18.26 12.47
N SER B 78 10.08 18.09 11.34
CA SER B 78 8.61 18.12 11.29
C SER B 78 7.98 17.13 12.27
N TRP B 79 6.88 17.51 12.94
CA TRP B 79 6.19 16.54 13.83
C TRP B 79 5.47 15.49 12.97
N LYS B 80 5.29 15.77 11.68
CA LYS B 80 4.46 14.90 10.85
C LYS B 80 4.98 13.47 10.76
N PRO B 81 6.26 13.28 10.42
CA PRO B 81 6.77 11.90 10.36
C PRO B 81 6.84 11.16 11.69
N ILE B 82 6.59 11.83 12.80
CA ILE B 82 6.55 11.25 14.13
C ILE B 82 5.19 10.54 14.38
N CYS B 83 4.24 10.79 13.49
CA CYS B 83 2.86 10.31 13.65
C CYS B 83 2.75 8.82 13.90
N HIS B 84 3.56 8.02 13.23
CA HIS B 84 3.43 6.56 13.35
C HIS B 84 4.12 6.04 14.60
N LEU B 85 4.92 6.89 15.23
CA LEU B 85 5.62 6.54 16.48
C LEU B 85 4.70 6.78 17.67
N ILE B 86 3.93 7.87 17.62
CA ILE B 86 3.04 8.22 18.75
C ILE B 86 1.65 7.59 18.61
N1 CRQ B 87 1.10 7.09 17.48
CA1 CRQ B 87 0.20 6.44 16.82
CB1 CRQ B 87 -1.28 6.84 16.80
CG1 CRQ B 87 -1.68 7.87 17.84
C1 CRQ B 87 0.57 5.28 15.94
N2 CRQ B 87 0.13 5.18 14.62
N3 CRQ B 87 1.37 4.20 16.26
C2 CRQ B 87 1.41 3.46 15.15
O2 CRQ B 87 2.18 2.21 15.02
CA2 CRQ B 87 0.65 4.04 14.06
CA3 CRQ B 87 2.08 3.88 17.51
CB2 CRQ B 87 0.55 3.42 12.67
CG2 CRQ B 87 0.42 4.40 11.53
CD1 CRQ B 87 0.50 3.89 10.24
CD2 CRQ B 87 0.19 5.77 11.72
CE1 CRQ B 87 0.33 4.75 9.15
CE2 CRQ B 87 0.05 6.62 10.63
CZ CRQ B 87 0.12 6.12 9.33
OH CRQ B 87 -0.04 6.97 8.22
OE1 CRQ B 87 -2.70 9.59 16.55
C3 CRQ B 87 1.51 2.70 18.25
O3 CRQ B 87 2.14 2.36 19.24
CD3 CRQ B 87 -2.81 8.80 17.49
NE1 CRQ B 87 -3.91 8.77 18.28
N GLU B 88 0.16 2.62 18.34
CA GLU B 88 -0.58 1.74 19.31
C GLU B 88 -1.45 0.78 18.51
N PRO B 89 -0.82 -0.21 17.82
CA PRO B 89 -1.60 -1.09 16.92
C PRO B 89 -2.72 -1.90 17.61
N PHE B 90 -2.58 -2.20 18.89
CA PHE B 90 -3.59 -2.88 19.70
C PHE B 90 -4.88 -2.01 19.92
N PHE B 91 -4.82 -0.71 19.63
CA PHE B 91 -5.99 0.14 19.70
C PHE B 91 -6.71 0.32 18.39
N ALA B 92 -6.21 -0.32 17.33
CA ALA B 92 -7.02 -0.44 16.09
C ALA B 92 -8.27 -1.26 16.33
N ARG B 93 -9.35 -0.89 15.64
CA ARG B 93 -10.60 -1.65 15.78
C ARG B 93 -10.69 -2.76 14.73
N TYR B 94 -10.78 -4.01 15.20
CA TYR B 94 -10.86 -5.19 14.33
C TYR B 94 -12.27 -5.80 14.36
N PRO B 95 -12.83 -6.11 13.19
CA PRO B 95 -14.13 -6.79 13.15
C PRO B 95 -13.98 -8.26 13.64
N ASP B 96 -15.17 -8.83 13.85
N ASP B 96 -15.01 -9.07 13.87
CA ASP B 96 -15.37 -10.23 13.83
CA ASP B 96 -14.78 -10.40 14.60
C ASP B 96 -14.92 -10.75 12.49
C ASP B 96 -13.92 -11.56 13.99
N GLY B 97 -14.08 -11.73 12.68
CA GLY B 97 -13.52 -12.67 11.74
C GLY B 97 -12.16 -12.28 11.18
N ILE B 98 -11.54 -11.25 11.75
CA ILE B 98 -10.10 -11.06 11.50
C ILE B 98 -9.33 -11.08 12.81
N SER B 99 -8.30 -11.93 12.92
CA SER B 99 -7.56 -12.04 14.20
C SER B 99 -6.79 -10.76 14.49
N HIS B 100 -6.86 -10.24 15.72
CA HIS B 100 -6.20 -8.97 16.00
C HIS B 100 -4.84 -9.28 16.64
N PHE B 101 -3.81 -9.50 15.81
CA PHE B 101 -2.49 -9.90 16.31
C PHE B 101 -1.95 -9.09 17.51
N ALA B 102 -1.98 -7.76 17.42
CA ALA B 102 -1.38 -6.90 18.44
C ALA B 102 -1.99 -7.14 19.83
N GLN B 103 -3.32 -7.30 19.87
CA GLN B 103 -4.04 -7.65 21.08
C GLN B 103 -3.78 -9.08 21.56
N GLU B 104 -3.72 -10.04 20.65
CA GLU B 104 -3.37 -11.44 21.04
C GLU B 104 -2.00 -11.58 21.71
N CYS B 105 -1.09 -10.64 21.43
CA CYS B 105 0.27 -10.65 21.99
C CYS B 105 0.29 -10.44 23.54
N PHE B 106 -0.82 -9.99 24.10
CA PHE B 106 -0.90 -9.68 25.52
C PHE B 106 -1.49 -10.88 26.27
N PRO B 107 -1.13 -11.04 27.56
CA PRO B 107 -0.38 -10.10 28.38
C PRO B 107 1.16 -10.06 28.24
N GLU B 108 1.75 -11.02 27.52
CA GLU B 108 3.24 -11.05 27.34
C GLU B 108 3.86 -9.76 26.68
N GLY B 109 3.20 -9.25 25.66
CA GLY B 109 3.67 -8.02 25.02
C GLY B 109 4.13 -8.31 23.63
N LEU B 110 4.61 -7.29 22.95
CA LEU B 110 5.07 -7.42 21.57
C LEU B 110 6.17 -6.40 21.35
N SER B 111 7.03 -6.69 20.40
CA SER B 111 7.99 -5.69 19.93
C SER B 111 7.69 -5.32 18.51
N ILE B 112 8.19 -4.16 18.09
CA ILE B 112 8.06 -3.71 16.71
C ILE B 112 9.43 -3.29 16.20
N ASP B 113 9.72 -3.69 14.98
CA ASP B 113 10.93 -3.21 14.27
C ASP B 113 10.45 -2.65 12.94
N ARG B 114 10.78 -1.37 12.74
CA ARG B 114 10.14 -0.61 11.71
C ARG B 114 11.17 0.23 10.95
N THR B 115 10.90 0.32 9.65
N THR B 115 10.98 0.32 9.63
CA THR B 115 11.59 1.24 8.78
CA THR B 115 11.76 1.29 8.85
C THR B 115 10.59 2.12 8.07
C THR B 115 10.87 2.07 7.89
N VAL B 116 10.92 3.41 8.00
CA VAL B 116 10.24 4.31 7.09
C VAL B 116 11.29 5.00 6.20
N ARG B 117 11.31 4.67 4.92
CA ARG B 117 12.30 5.25 4.00
C ARG B 117 11.56 6.29 3.17
N PHE B 118 11.96 7.54 3.33
CA PHE B 118 11.35 8.64 2.57
C PHE B 118 12.08 8.86 1.26
N GLU B 119 11.33 8.98 0.17
CA GLU B 119 11.94 9.16 -1.16
C GLU B 119 12.75 10.47 -1.21
N ASN B 120 13.98 10.40 -1.72
CA ASN B 120 14.88 11.59 -1.80
C ASN B 120 15.10 12.23 -0.43
N ASP B 121 15.05 11.40 0.60
CA ASP B 121 15.26 11.89 1.95
C ASP B 121 15.77 10.81 2.88
N GLY B 122 15.66 11.03 4.18
CA GLY B 122 16.29 10.08 5.14
C GLY B 122 15.44 8.86 5.44
N THR B 123 15.93 8.00 6.34
CA THR B 123 15.22 6.80 6.75
C THR B 123 15.12 6.80 8.26
N MET B 124 13.92 6.53 8.77
CA MET B 124 13.68 6.44 10.16
C MET B 124 13.69 4.96 10.50
N THR B 125 14.54 4.51 11.42
CA THR B 125 14.52 3.08 11.86
C THR B 125 14.22 3.05 13.34
N SER B 126 13.18 2.29 13.75
CA SER B 126 12.78 2.25 15.14
C SER B 126 12.62 0.85 15.75
N HIS B 127 12.76 0.81 17.06
CA HIS B 127 12.50 -0.41 17.82
C HIS B 127 11.56 -0.06 18.94
N HIS B 128 10.44 -0.82 19.04
CA HIS B 128 9.36 -0.46 19.93
C HIS B 128 9.15 -1.66 20.85
N THR B 129 8.99 -1.43 22.14
CA THR B 129 8.55 -2.52 23.05
C THR B 129 7.32 -2.07 23.82
N TYR B 130 6.38 -2.99 24.00
CA TYR B 130 5.14 -2.67 24.70
C TYR B 130 4.93 -3.66 25.85
N GLU B 131 4.66 -3.11 27.04
CA GLU B 131 4.28 -3.89 28.21
C GLU B 131 2.93 -3.37 28.78
N LEU B 132 2.17 -4.28 29.37
CA LEU B 132 0.87 -3.95 29.96
C LEU B 132 0.96 -3.78 31.49
N ASP B 133 0.65 -2.60 31.99
CA ASP B 133 0.55 -2.40 33.45
C ASP B 133 -0.94 -2.20 33.84
N ASP B 134 -1.60 -3.31 34.17
CA ASP B 134 -3.03 -3.40 34.47
C ASP B 134 -3.85 -2.96 33.24
N THR B 135 -4.22 -1.69 33.15
CA THR B 135 -4.96 -1.19 31.96
C THR B 135 -4.21 0.00 31.29
N CYS B 136 -2.91 0.18 31.63
CA CYS B 136 -2.03 1.12 30.96
C CYS B 136 -1.06 0.34 30.05
N VAL B 137 -0.97 0.70 28.77
CA VAL B 137 0.10 0.16 27.93
C VAL B 137 1.27 1.14 27.89
N VAL B 138 2.44 0.68 28.30
CA VAL B 138 3.66 1.48 28.34
C VAL B 138 4.55 1.00 27.20
N SER B 139 5.00 1.99 26.43
CA SER B 139 5.74 1.82 25.21
C SER B 139 7.08 2.55 25.32
N ARG B 140 8.16 1.85 24.95
N ARG B 140 8.17 1.85 24.98
CA ARG B 140 9.49 2.43 24.85
CA ARG B 140 9.46 2.50 24.86
C ARG B 140 9.96 2.29 23.42
C ARG B 140 9.95 2.30 23.45
N ILE B 141 10.37 3.41 22.84
CA ILE B 141 10.75 3.44 21.41
C ILE B 141 12.11 4.12 21.30
N THR B 142 13.05 3.50 20.59
CA THR B 142 14.28 4.19 20.23
CA THR B 142 14.28 4.21 20.21
C THR B 142 14.21 4.38 18.71
N VAL B 143 14.52 5.57 18.21
CA VAL B 143 14.41 5.78 16.76
C VAL B 143 15.66 6.50 16.23
N ASN B 144 16.19 6.03 15.12
CA ASN B 144 17.31 6.68 14.47
C ASN B 144 16.80 7.24 13.17
N CYS B 145 16.86 8.56 13.04
CA CYS B 145 16.45 9.23 11.77
C CYS B 145 17.70 9.71 11.02
N ASP B 146 18.15 8.94 10.04
CA ASP B 146 19.47 9.23 9.46
C ASP B 146 19.37 9.51 7.99
N GLY B 147 20.30 10.34 7.50
CA GLY B 147 20.36 10.74 6.08
C GLY B 147 19.29 11.73 5.69
N PHE B 148 18.75 12.47 6.64
CA PHE B 148 17.72 13.46 6.30
C PHE B 148 18.31 14.72 5.69
N GLN B 149 17.58 15.33 4.78
CA GLN B 149 18.05 16.45 3.98
C GLN B 149 17.79 17.74 4.74
N PRO B 150 18.85 18.49 5.16
CA PRO B 150 18.64 19.67 5.98
C PRO B 150 17.84 20.76 5.26
N ASP B 151 17.88 20.75 3.93
CA ASP B 151 17.10 21.73 3.22
C ASP B 151 15.90 21.08 2.51
N GLY B 152 15.54 19.85 2.94
CA GLY B 152 14.29 19.23 2.49
C GLY B 152 13.08 19.56 3.37
N PRO B 153 11.86 19.14 2.95
CA PRO B 153 10.64 19.53 3.66
C PRO B 153 10.38 18.93 5.02
N ILE B 154 11.08 17.85 5.38
CA ILE B 154 10.92 17.28 6.75
C ILE B 154 11.69 18.17 7.75
N MET B 155 12.97 18.39 7.46
CA MET B 155 13.80 19.22 8.35
CA MET B 155 13.84 19.23 8.31
C MET B 155 13.48 20.71 8.24
N ARG B 156 12.87 21.13 7.13
CA ARG B 156 12.42 22.52 7.04
C ARG B 156 10.99 22.72 7.57
N ASP B 157 10.37 21.65 8.04
CA ASP B 157 9.03 21.71 8.65
C ASP B 157 8.01 22.28 7.65
N GLN B 158 8.06 21.73 6.44
CA GLN B 158 7.20 22.20 5.34
C GLN B 158 6.10 21.18 5.01
N LEU B 159 5.84 20.26 5.95
CA LEU B 159 4.86 19.18 5.76
C LEU B 159 3.54 19.64 6.42
N VAL B 160 2.43 19.55 5.70
CA VAL B 160 1.20 20.25 6.10
C VAL B 160 0.10 19.30 6.56
N ASP B 161 0.08 18.11 5.99
CA ASP B 161 -0.82 17.06 6.47
C ASP B 161 -0.30 15.67 6.18
N ILE B 162 -1.03 14.69 6.70
CA ILE B 162 -0.69 13.26 6.59
C ILE B 162 -1.86 12.64 5.82
N LEU B 163 -1.56 11.99 4.70
N LEU B 163 -1.55 12.00 4.69
CA LEU B 163 -2.57 11.37 3.86
CA LEU B 163 -2.59 11.38 3.87
C LEU B 163 -3.10 10.08 4.49
C LEU B 163 -3.10 10.07 4.47
N PRO B 164 -4.44 9.91 4.54
CA PRO B 164 -5.04 8.71 5.05
C PRO B 164 -4.66 7.57 4.18
N ASN B 165 -4.42 6.41 4.76
CA ASN B 165 -3.97 5.28 3.91
C ASN B 165 -4.49 3.88 4.26
N GLU B 166 -4.32 2.95 3.32
CA GLU B 166 -4.79 1.58 3.47
C GLU B 166 -3.56 0.71 3.72
N THR B 167 -3.16 0.49 4.96
CA THR B 167 -1.94 -0.33 5.18
C THR B 167 -2.25 -1.83 4.95
N HIS B 168 -1.25 -2.59 4.55
CA HIS B 168 -1.44 -3.99 4.18
C HIS B 168 -0.80 -4.83 5.30
N MET B 169 -1.60 -5.70 5.93
CA MET B 169 -1.04 -6.63 6.92
C MET B 169 -0.86 -8.02 6.35
N PHE B 170 0.31 -8.63 6.62
CA PHE B 170 0.66 -9.96 6.15
C PHE B 170 1.18 -10.85 7.25
N PRO B 171 0.83 -12.15 7.19
CA PRO B 171 1.49 -13.06 8.10
C PRO B 171 3.01 -13.01 7.84
N HIS B 172 3.79 -13.21 8.87
CA HIS B 172 5.24 -13.14 8.75
C HIS B 172 5.80 -14.21 9.67
N GLY B 173 5.61 -15.45 9.25
CA GLY B 173 6.08 -16.58 10.02
C GLY B 173 5.07 -16.85 11.11
N PRO B 174 5.37 -17.79 12.01
CA PRO B 174 4.48 -18.19 13.13
C PRO B 174 4.29 -17.22 14.33
N ASN B 175 5.14 -16.19 14.45
CA ASN B 175 5.15 -15.35 15.66
C ASN B 175 5.15 -13.84 15.38
N ALA B 176 4.87 -13.49 14.12
CA ALA B 176 4.97 -12.14 13.64
C ALA B 176 4.00 -11.83 12.52
N VAL B 177 3.80 -10.53 12.34
CA VAL B 177 3.01 -9.98 11.27
CA VAL B 177 3.01 -9.98 11.27
C VAL B 177 3.78 -8.79 10.67
N ARG B 178 3.63 -8.57 9.38
CA ARG B 178 4.29 -7.44 8.75
C ARG B 178 3.28 -6.47 8.21
N GLN B 179 3.50 -5.19 8.48
CA GLN B 179 2.67 -4.08 8.00
C GLN B 179 3.46 -3.26 6.99
N LEU B 180 2.92 -3.18 5.77
CA LEU B 180 3.47 -2.38 4.68
C LEU B 180 2.51 -1.23 4.37
N ALA B 181 3.07 -0.06 4.12
CA ALA B 181 2.29 1.16 3.85
C ALA B 181 3.07 2.17 2.98
N PHE B 182 2.31 2.99 2.26
CA PHE B 182 2.81 4.17 1.55
C PHE B 182 2.23 5.34 2.32
N ILE B 183 3.06 6.02 3.08
CA ILE B 183 2.57 7.11 3.88
C ILE B 183 2.98 8.43 3.19
N GLY B 184 1.99 9.18 2.72
CA GLY B 184 2.21 10.47 2.06
C GLY B 184 2.03 11.64 3.00
N PHE B 185 2.77 12.72 2.72
CA PHE B 185 2.61 13.95 3.44
C PHE B 185 2.61 15.04 2.37
N THR B 186 1.62 15.91 2.48
N THR B 186 1.64 15.91 2.47
CA THR B 186 1.51 17.06 1.58
CA THR B 186 1.59 17.03 1.54
C THR B 186 2.51 18.16 2.01
C THR B 186 2.55 18.13 2.00
N THR B 187 3.20 18.75 1.04
CA THR B 187 4.19 19.77 1.36
C THR B 187 3.53 21.11 1.15
N ALA B 188 4.14 22.15 1.68
CA ALA B 188 3.56 23.50 1.67
C ALA B 188 3.39 24.04 0.26
N ASP B 189 4.27 23.66 -0.66
CA ASP B 189 4.15 24.04 -2.09
C ASP B 189 3.11 23.20 -2.86
N GLY B 190 2.40 22.33 -2.14
CA GLY B 190 1.45 21.40 -2.76
C GLY B 190 2.03 20.13 -3.35
N GLY B 191 3.31 19.85 -3.07
CA GLY B 191 3.92 18.61 -3.48
C GLY B 191 3.58 17.48 -2.51
N LEU B 192 4.33 16.38 -2.61
N LEU B 192 4.32 16.38 -2.66
CA LEU B 192 4.03 15.18 -1.82
CA LEU B 192 4.12 15.18 -1.86
C LEU B 192 5.33 14.46 -1.42
C LEU B 192 5.49 14.74 -1.36
N MET B 193 5.54 14.28 -0.11
CA MET B 193 6.69 13.53 0.39
C MET B 193 6.21 12.11 0.71
N MET B 194 6.82 11.11 0.07
CA MET B 194 6.35 9.72 0.17
C MET B 194 7.28 8.90 1.04
N GLY B 195 6.72 8.28 2.08
CA GLY B 195 7.48 7.39 2.96
C GLY B 195 7.10 5.92 2.69
N HIS B 196 8.10 5.06 2.49
CA HIS B 196 7.89 3.62 2.39
C HIS B 196 8.02 2.93 3.75
N PHE B 197 6.90 2.48 4.29
CA PHE B 197 6.78 2.05 5.71
C PHE B 197 6.77 0.51 5.66
N ASP B 198 7.63 -0.12 6.47
CA ASP B 198 7.77 -1.60 6.58
C ASP B 198 8.00 -1.88 8.06
N SER B 199 7.02 -2.54 8.69
CA SER B 199 7.03 -2.70 10.11
C SER B 199 6.74 -4.18 10.41
N LYS B 200 7.54 -4.80 11.28
CA LYS B 200 7.32 -6.15 11.73
C LYS B 200 6.91 -6.14 13.21
N MET B 201 5.76 -6.75 13.51
CA MET B 201 5.32 -6.92 14.91
C MET B 201 5.54 -8.36 15.34
N THR B 202 6.19 -8.54 16.48
CA THR B 202 6.67 -9.88 16.90
C THR B 202 6.15 -10.17 18.31
N PHE B 203 5.68 -11.39 18.50
CA PHE B 203 5.11 -11.78 19.79
C PHE B 203 6.24 -12.18 20.74
N ASN B 204 6.22 -11.69 21.97
CA ASN B 204 7.34 -11.92 22.88
C ASN B 204 7.30 -13.28 23.64
N GLY B 205 6.19 -14.01 23.61
CA GLY B 205 6.05 -15.19 24.46
C GLY B 205 6.27 -16.52 23.76
N SER B 206 6.07 -17.62 24.50
CA SER B 206 6.38 -18.95 24.01
C SER B 206 5.18 -19.69 23.40
N ARG B 207 3.99 -19.39 23.87
CA ARG B 207 2.79 -20.03 23.36
C ARG B 207 2.58 -19.80 21.85
N ALA B 208 1.75 -20.64 21.23
CA ALA B 208 1.35 -20.41 19.83
C ALA B 208 0.20 -19.39 19.78
N ILE B 209 0.28 -18.56 18.76
CA ILE B 209 -0.58 -17.39 18.66
C ILE B 209 -1.17 -17.45 17.26
N GLU B 210 -2.40 -16.94 17.11
CA GLU B 210 -3.13 -16.99 15.85
C GLU B 210 -2.64 -15.89 14.92
N ILE B 211 -2.04 -16.27 13.80
CA ILE B 211 -1.54 -15.29 12.89
C ILE B 211 -2.64 -14.96 11.87
N PRO B 212 -3.08 -13.69 11.82
CA PRO B 212 -4.08 -13.36 10.80
C PRO B 212 -3.65 -13.62 9.37
N GLY B 213 -4.59 -13.96 8.49
CA GLY B 213 -4.36 -13.91 7.05
C GLY B 213 -4.26 -12.47 6.54
N PRO B 214 -3.75 -12.29 5.30
CA PRO B 214 -3.60 -10.93 4.73
C PRO B 214 -4.86 -10.12 4.88
N HIS B 215 -4.74 -8.88 5.33
CA HIS B 215 -5.89 -7.99 5.44
C HIS B 215 -5.38 -6.55 5.37
N PHE B 216 -6.23 -5.55 5.66
CA PHE B 216 -5.85 -4.15 5.64
C PHE B 216 -6.17 -3.48 6.96
N VAL B 217 -5.38 -2.48 7.29
CA VAL B 217 -5.84 -1.52 8.33
C VAL B 217 -5.87 -0.13 7.72
N THR B 218 -7.02 0.51 7.71
CA THR B 218 -7.17 1.87 7.24
C THR B 218 -6.76 2.80 8.39
N ILE B 219 -5.88 3.77 8.12
CA ILE B 219 -5.40 4.69 9.13
C ILE B 219 -5.57 6.15 8.71
N ILE B 220 -6.28 6.91 9.53
CA ILE B 220 -6.55 8.34 9.24
C ILE B 220 -5.97 9.10 10.43
N THR B 221 -5.15 10.08 10.15
CA THR B 221 -4.41 10.78 11.21
C THR B 221 -4.47 12.29 11.00
N LYS B 222 -4.60 13.04 12.09
CA LYS B 222 -4.53 14.49 12.00
C LYS B 222 -3.85 15.00 13.26
N GLN B 223 -2.85 15.86 13.09
CA GLN B 223 -2.24 16.56 14.22
C GLN B 223 -2.74 17.98 14.39
N MET B 224 -2.95 18.38 15.63
CA MET B 224 -3.31 19.76 15.97
C MET B 224 -2.39 20.35 17.06
N ARG B 225 -2.20 21.67 17.03
CA ARG B 225 -1.51 22.42 18.09
C ARG B 225 -2.47 23.39 18.81
N ASP B 226 -2.45 23.34 20.15
CA ASP B 226 -3.30 24.22 21.00
C ASP B 226 -2.49 25.17 21.90
N THR B 227 -3.18 26.18 22.43
CA THR B 227 -2.64 27.12 23.43
C THR B 227 -2.57 26.47 24.83
N SER B 228 -3.31 25.38 24.99
CA SER B 228 -3.44 24.69 26.28
C SER B 228 -2.08 24.44 26.94
N ASP B 229 -1.32 23.50 26.35
CA ASP B 229 0.03 23.17 26.77
C ASP B 229 0.99 24.15 26.09
N LYS B 230 1.83 24.82 26.88
CA LYS B 230 2.77 25.82 26.35
C LYS B 230 4.07 25.17 25.77
N ARG B 231 4.31 23.92 26.14
CA ARG B 231 5.45 23.15 25.62
C ARG B 231 5.33 22.85 24.13
N ASP B 232 6.44 22.57 23.47
CA ASP B 232 6.38 22.06 22.09
C ASP B 232 5.63 20.70 22.08
N HIS B 233 4.48 20.66 21.41
CA HIS B 233 3.67 19.44 21.54
C HIS B 233 2.70 19.35 20.37
N VAL B 234 2.16 18.14 20.14
CA VAL B 234 0.98 17.96 19.26
C VAL B 234 -0.13 17.24 20.03
N CYS B 235 -1.37 17.42 19.58
CA CYS B 235 -2.44 16.52 19.95
C CYS B 235 -2.78 15.86 18.62
N GLN B 236 -2.70 14.53 18.57
CA GLN B 236 -2.93 13.79 17.35
C GLN B 236 -4.10 12.82 17.53
N ARG B 237 -4.98 12.82 16.54
CA ARG B 237 -6.09 11.89 16.55
C ARG B 237 -5.87 10.89 15.44
N GLU B 238 -6.16 9.61 15.74
CA GLU B 238 -6.04 8.55 14.80
C GLU B 238 -7.32 7.74 14.80
N VAL B 239 -7.85 7.54 13.62
CA VAL B 239 -8.82 6.53 13.38
C VAL B 239 -8.14 5.36 12.63
N ALA B 240 -8.27 4.16 13.18
CA ALA B 240 -7.65 2.97 12.64
C ALA B 240 -8.59 1.80 12.69
N TYR B 241 -8.80 1.12 11.54
CA TYR B 241 -9.65 -0.10 11.60
C TYR B 241 -9.28 -1.12 10.54
N ALA B 242 -9.37 -2.41 10.93
CA ALA B 242 -9.13 -3.53 10.01
C ALA B 242 -10.30 -3.89 9.09
N HIS B 243 -9.97 -4.36 7.89
CA HIS B 243 -10.99 -4.85 6.96
C HIS B 243 -10.39 -5.81 5.93
N SER B 244 -11.27 -6.58 5.30
CA SER B 244 -10.77 -7.48 4.27
C SER B 244 -11.38 -7.02 2.96
N VAL B 245 -11.10 -7.71 1.88
CA VAL B 245 -11.92 -7.46 0.70
C VAL B 245 -12.64 -8.76 0.27
N PRO B 246 -13.86 -8.63 -0.28
CA PRO B 246 -14.50 -9.76 -0.95
C PRO B 246 -13.49 -10.54 -1.88
N ARG B 247 -13.30 -11.83 -1.64
CA ARG B 247 -12.52 -12.66 -2.59
C ARG B 247 -13.44 -13.14 -3.73
N ILE B 248 -12.88 -13.43 -4.91
CA ILE B 248 -13.74 -13.89 -6.03
C ILE B 248 -13.62 -15.39 -6.28
N THR B 249 -14.77 -16.05 -6.36
CA THR B 249 -14.83 -17.53 -6.28
C THR B 249 -14.75 -18.27 -7.63
N SER B 250 -14.81 -17.55 -8.73
CA SER B 250 -14.32 -18.05 -10.04
C SER B 250 -14.22 -16.96 -11.10
N ALA B 251 -13.52 -17.28 -12.18
CA ALA B 251 -13.17 -16.32 -13.22
C ALA B 251 -14.18 -16.20 -14.38
N ILE B 252 -15.47 -16.30 -14.08
CA ILE B 252 -16.54 -16.01 -15.06
C ILE B 252 -17.25 -14.66 -14.85
S SO4 C . -3.03 -24.65 -28.85
O1 SO4 C . -4.33 -25.24 -29.14
O2 SO4 C . -1.98 -25.36 -29.57
O3 SO4 C . -3.10 -23.28 -29.32
O4 SO4 C . -2.83 -24.70 -27.39
S SO4 D . 6.06 17.69 -14.16
O1 SO4 D . 4.98 16.92 -14.79
O2 SO4 D . 7.33 17.20 -14.70
O3 SO4 D . 5.95 19.08 -14.56
O4 SO4 D . 6.02 17.56 -12.70
NA NA E . -10.77 14.21 -7.96
S SO4 F . -18.12 -13.91 -7.09
O1 SO4 F . -19.21 -14.43 -6.26
O2 SO4 F . -17.45 -15.01 -7.79
O3 SO4 F . -18.72 -12.94 -8.01
O4 SO4 F . -17.12 -13.31 -6.22
NA NA G . -7.84 -14.46 10.55
#